data_8ZAD
#
_entry.id   8ZAD
#
_cell.length_a   68.324
_cell.length_b   141.011
_cell.length_c   90.285
_cell.angle_alpha   90.00
_cell.angle_beta   90.00
_cell.angle_gamma   90.00
#
_symmetry.space_group_name_H-M   'C 2 2 21'
#
loop_
_entity.id
_entity.type
_entity.pdbx_description
1 polymer 'Aba 3 protein'
2 non-polymer 'ZINC ION'
3 water water
#
_entity_poly.entity_id   1
_entity_poly.type   'polypeptide(L)'
_entity_poly.pdbx_seq_one_letter_code
;HHHHHHHHHHENLYFQGAGAGAGAGAGAMTWYYPPDIASDLQSVNLPAELKGEIFACAWEYTRCVIPNYTNWNRYVAFMR
TIIIGVIAEFRGEMVDVTASTSILGYDLDGVLAALFEGTPGHKEMAREYKTFLLITADKASERRDGELFRRYVNALAQSP
RHWFRMRDCDALARFTIASALACNDLDDIWYTEEQFEILTEIGDTLYDAVAFYKHRAEGETNSTFAYMPEDLRIKAYSEC
REILWALDAAWARNPKLVNVINFLRFFGGPIHMMMRRYRFVEENLTIGKSETDKVVDQTRKNFKLWNRVDANKRSIRNTQ
RYKALIGRSEELMFPGLAEFLEVGGDGVCDKCRYRESYGAEVSHQFGGVELCSECKLSWRQYLECFVERAADVFPELKTY
FEVQV
;
_entity_poly.pdbx_strand_id   A
#
# COMPACT_ATOMS: atom_id res chain seq x y z
N MET A 29 22.50 -10.59 -15.16
CA MET A 29 21.31 -9.72 -14.88
C MET A 29 21.72 -8.24 -14.95
N THR A 30 21.09 -7.46 -15.85
CA THR A 30 21.39 -6.02 -16.12
C THR A 30 20.23 -5.13 -15.65
N TRP A 31 20.58 -4.08 -14.91
CA TRP A 31 19.59 -3.22 -14.23
C TRP A 31 19.44 -1.91 -15.02
N TYR A 32 18.20 -1.49 -15.31
CA TYR A 32 17.93 -0.26 -16.10
C TYR A 32 17.15 0.74 -15.25
N TYR A 33 17.64 1.97 -15.16
CA TYR A 33 17.05 3.05 -14.33
C TYR A 33 17.71 4.34 -14.76
N PRO A 34 17.09 5.51 -14.51
CA PRO A 34 17.68 6.77 -14.92
C PRO A 34 18.94 7.08 -14.12
N PRO A 35 19.92 7.78 -14.71
CA PRO A 35 21.19 8.04 -14.02
C PRO A 35 21.03 8.98 -12.82
N ASP A 36 19.92 9.70 -12.71
CA ASP A 36 19.72 10.67 -11.59
C ASP A 36 19.84 9.97 -10.24
N ILE A 37 19.45 8.70 -10.16
CA ILE A 37 19.44 7.91 -8.89
C ILE A 37 20.65 6.97 -8.83
N ALA A 38 21.53 6.95 -9.83
CA ALA A 38 22.61 5.94 -9.93
C ALA A 38 23.60 6.13 -8.78
N SER A 39 23.77 7.33 -8.23
CA SER A 39 24.70 7.58 -7.12
C SER A 39 23.91 7.84 -5.82
N ASP A 40 22.69 7.30 -5.70
CA ASP A 40 21.94 7.40 -4.42
C ASP A 40 22.48 6.32 -3.46
N LEU A 41 22.05 6.34 -2.20
CA LEU A 41 22.39 5.33 -1.19
C LEU A 41 23.90 5.30 -0.98
N GLN A 42 24.55 6.47 -1.06
CA GLN A 42 25.99 6.61 -0.75
C GLN A 42 26.16 6.28 0.73
N SER A 43 27.14 5.43 1.01
CA SER A 43 27.51 4.91 2.35
C SER A 43 26.39 4.04 2.93
N VAL A 44 25.40 3.63 2.15
CA VAL A 44 24.45 2.58 2.60
C VAL A 44 25.15 1.25 2.39
N ASN A 45 25.17 0.37 3.39
CA ASN A 45 25.99 -0.87 3.31
C ASN A 45 25.19 -1.96 2.59
N LEU A 46 25.04 -1.83 1.28
CA LEU A 46 24.52 -2.91 0.40
C LEU A 46 25.48 -3.02 -0.76
N PRO A 47 25.71 -4.21 -1.32
CA PRO A 47 26.54 -4.30 -2.53
C PRO A 47 25.95 -3.52 -3.72
N ALA A 48 26.83 -3.05 -4.60
CA ALA A 48 26.51 -2.23 -5.80
C ALA A 48 25.45 -2.96 -6.65
N GLU A 49 25.58 -4.27 -6.80
CA GLU A 49 24.67 -5.09 -7.64
C GLU A 49 23.25 -5.03 -7.05
N LEU A 50 23.16 -4.95 -5.73
CA LEU A 50 21.85 -4.91 -5.03
C LEU A 50 21.28 -3.48 -5.17
N LYS A 51 22.10 -2.46 -5.04
CA LYS A 51 21.63 -1.08 -5.25
C LYS A 51 21.06 -0.96 -6.66
N GLY A 52 21.78 -1.49 -7.67
CA GLY A 52 21.33 -1.54 -9.07
C GLY A 52 19.94 -2.13 -9.17
N GLU A 53 19.73 -3.28 -8.53
CA GLU A 53 18.43 -3.99 -8.57
C GLU A 53 17.35 -3.14 -7.88
N ILE A 54 17.66 -2.54 -6.75
CA ILE A 54 16.71 -1.62 -6.05
C ILE A 54 16.34 -0.44 -6.97
N PHE A 55 17.32 0.21 -7.58
CA PHE A 55 17.08 1.38 -8.47
C PHE A 55 16.17 0.93 -9.64
N ALA A 56 16.43 -0.25 -10.20
CA ALA A 56 15.62 -0.83 -11.29
C ALA A 56 14.19 -1.07 -10.81
N CYS A 57 14.04 -1.68 -9.64
CA CYS A 57 12.73 -1.90 -9.01
C CYS A 57 11.96 -0.58 -8.90
N ALA A 58 12.60 0.48 -8.38
CA ALA A 58 11.97 1.79 -8.18
C ALA A 58 11.52 2.39 -9.52
N TRP A 59 12.40 2.35 -10.51
CA TRP A 59 12.10 2.89 -11.84
C TRP A 59 10.95 2.12 -12.50
N GLU A 60 11.03 0.79 -12.52
CA GLU A 60 9.97 -0.09 -13.10
C GLU A 60 8.61 0.16 -12.43
N TYR A 61 8.57 0.14 -11.10
CA TYR A 61 7.33 0.40 -10.33
C TYR A 61 6.77 1.75 -10.75
N THR A 62 7.62 2.78 -10.73
CA THR A 62 7.18 4.15 -11.03
C THR A 62 6.62 4.21 -12.45
N ARG A 63 7.33 3.66 -13.43
CA ARG A 63 6.86 3.71 -14.83
C ARG A 63 5.53 2.96 -15.00
N CYS A 64 5.28 1.91 -14.22
CA CYS A 64 4.10 1.04 -14.36
C CYS A 64 2.88 1.74 -13.76
N VAL A 65 2.98 2.38 -12.61
CA VAL A 65 1.78 2.88 -11.88
C VAL A 65 1.58 4.38 -12.10
N ILE A 66 2.62 5.10 -12.49
CA ILE A 66 2.54 6.53 -12.94
C ILE A 66 3.14 6.61 -14.34
N PRO A 67 2.47 6.01 -15.35
CA PRO A 67 3.06 5.85 -16.68
C PRO A 67 3.20 7.18 -17.43
N ASN A 68 2.50 8.22 -17.02
CA ASN A 68 2.71 9.60 -17.55
C ASN A 68 3.24 10.52 -16.45
N TYR A 69 4.04 11.52 -16.84
CA TYR A 69 4.53 12.60 -15.94
C TYR A 69 4.84 13.85 -16.74
N THR A 70 4.82 15.01 -16.06
CA THR A 70 5.23 16.31 -16.64
C THR A 70 6.39 16.87 -15.80
N ASN A 71 6.58 16.37 -14.60
CA ASN A 71 7.49 17.00 -13.61
C ASN A 71 8.53 15.94 -13.22
N TRP A 72 9.67 15.94 -13.91
CA TRP A 72 10.78 14.98 -13.71
C TRP A 72 11.26 15.01 -12.24
N ASN A 73 11.40 16.19 -11.66
CA ASN A 73 11.89 16.30 -10.26
C ASN A 73 10.94 15.57 -9.29
N ARG A 74 9.63 15.71 -9.45
CA ARG A 74 8.65 15.00 -8.58
C ARG A 74 8.73 13.50 -8.89
N TYR A 75 8.89 13.14 -10.15
CA TYR A 75 8.96 11.73 -10.59
C TYR A 75 10.14 11.07 -9.89
N VAL A 76 11.29 11.72 -9.89
CA VAL A 76 12.51 11.20 -9.21
C VAL A 76 12.27 11.19 -7.71
N ALA A 77 11.54 12.18 -7.15
CA ALA A 77 11.25 12.16 -5.69
C ALA A 77 10.39 10.93 -5.36
N PHE A 78 9.43 10.59 -6.22
CA PHE A 78 8.58 9.39 -6.04
C PHE A 78 9.48 8.17 -6.09
N MET A 79 10.36 8.11 -7.09
CA MET A 79 11.26 6.96 -7.26
C MET A 79 12.05 6.74 -5.95
N ARG A 80 12.45 7.81 -5.31
CA ARG A 80 13.25 7.71 -4.07
C ARG A 80 12.38 7.21 -2.91
N THR A 81 11.12 7.64 -2.81
CA THR A 81 10.19 7.06 -1.81
C THR A 81 10.06 5.55 -2.06
N ILE A 82 10.11 5.11 -3.31
CA ILE A 82 10.01 3.66 -3.63
C ILE A 82 11.34 2.99 -3.29
N ILE A 83 12.47 3.66 -3.54
CA ILE A 83 13.80 3.12 -3.15
C ILE A 83 13.80 2.81 -1.66
N ILE A 84 13.37 3.76 -0.85
CA ILE A 84 13.44 3.66 0.63
C ILE A 84 12.50 2.50 1.03
N GLY A 85 11.32 2.47 0.43
CA GLY A 85 10.25 1.49 0.74
C GLY A 85 10.71 0.07 0.39
N VAL A 86 11.43 -0.09 -0.71
CA VAL A 86 11.92 -1.43 -1.13
C VAL A 86 12.95 -1.95 -0.09
N ILE A 87 13.85 -1.08 0.36
CA ILE A 87 14.89 -1.45 1.37
C ILE A 87 14.20 -1.72 2.71
N ALA A 88 13.19 -0.93 3.08
CA ALA A 88 12.43 -1.13 4.34
C ALA A 88 11.80 -2.52 4.34
N GLU A 89 11.28 -2.99 3.20
CA GLU A 89 10.63 -4.31 3.06
C GLU A 89 11.67 -5.45 3.10
N PHE A 90 12.90 -5.16 2.71
CA PHE A 90 13.98 -6.14 2.50
C PHE A 90 14.74 -6.29 3.82
N ARG A 91 15.10 -5.17 4.46
CA ARG A 91 15.90 -5.17 5.71
C ARG A 91 15.41 -4.03 6.60
N GLY A 92 14.45 -4.33 7.46
CA GLY A 92 13.72 -3.29 8.23
C GLY A 92 14.64 -2.55 9.17
N GLU A 93 15.68 -3.20 9.66
CA GLU A 93 16.67 -2.57 10.57
C GLU A 93 17.35 -1.38 9.88
N MET A 94 17.42 -1.36 8.56
CA MET A 94 18.13 -0.28 7.82
C MET A 94 17.32 1.01 7.76
N VAL A 95 16.02 0.95 8.07
CA VAL A 95 15.09 2.10 7.89
C VAL A 95 14.31 2.31 9.18
N ASP A 96 14.68 3.33 9.93
CA ASP A 96 13.97 3.71 11.19
C ASP A 96 13.37 5.11 11.03
N VAL A 97 12.07 5.23 10.69
CA VAL A 97 11.39 6.56 10.59
C VAL A 97 11.26 7.18 11.97
N THR A 98 11.41 6.43 13.05
CA THR A 98 11.25 7.04 14.39
C THR A 98 12.51 7.89 14.72
N ALA A 99 13.65 7.68 14.08
CA ALA A 99 14.91 8.37 14.45
C ALA A 99 15.00 9.66 13.63
N SER A 100 15.66 10.68 14.14
CA SER A 100 15.79 11.99 13.47
C SER A 100 16.91 11.95 12.41
N THR A 101 17.72 10.89 12.32
CA THR A 101 18.89 10.79 11.42
C THR A 101 18.43 10.54 9.96
N SER A 102 19.28 10.87 8.99
CA SER A 102 18.98 10.72 7.55
C SER A 102 18.37 9.34 7.30
N ILE A 103 17.44 9.18 6.38
CA ILE A 103 17.05 7.81 5.96
C ILE A 103 17.82 7.46 4.69
N LEU A 104 18.74 6.49 4.79
CA LEU A 104 19.48 5.87 3.66
C LEU A 104 20.15 6.96 2.80
N GLY A 105 20.64 8.04 3.41
CA GLY A 105 21.34 9.11 2.69
C GLY A 105 20.40 10.17 2.14
N TYR A 106 19.10 10.01 2.31
CA TYR A 106 18.08 10.99 1.89
C TYR A 106 17.67 11.84 3.09
N ASP A 107 17.02 12.97 2.79
CA ASP A 107 16.26 13.72 3.80
C ASP A 107 14.78 13.46 3.53
N LEU A 108 14.16 12.60 4.30
CA LEU A 108 12.80 12.10 3.98
C LEU A 108 11.83 13.27 3.82
N ASP A 109 11.83 14.23 4.75
CA ASP A 109 10.91 15.39 4.67
C ASP A 109 11.17 16.22 3.40
N GLY A 110 12.43 16.35 3.00
CA GLY A 110 12.85 17.05 1.77
C GLY A 110 12.33 16.36 0.52
N VAL A 111 12.46 15.05 0.45
CA VAL A 111 11.99 14.24 -0.70
C VAL A 111 10.48 14.40 -0.78
N LEU A 112 9.79 14.27 0.33
CA LEU A 112 8.32 14.37 0.36
C LEU A 112 7.89 15.78 -0.08
N ALA A 113 8.65 16.82 0.31
CA ALA A 113 8.36 18.23 -0.08
C ALA A 113 8.59 18.38 -1.58
N ALA A 114 9.63 17.76 -2.12
CA ALA A 114 9.94 17.88 -3.56
C ALA A 114 8.77 17.25 -4.33
N LEU A 115 8.24 16.14 -3.82
CA LEU A 115 7.10 15.43 -4.43
C LEU A 115 5.83 16.26 -4.26
N PHE A 116 5.53 16.73 -3.06
CA PHE A 116 4.14 17.14 -2.69
C PHE A 116 4.00 18.64 -2.41
N GLU A 117 5.06 19.42 -2.30
CA GLU A 117 4.86 20.85 -1.92
C GLU A 117 3.92 21.53 -2.92
N GLY A 118 2.90 22.21 -2.42
CA GLY A 118 1.95 22.94 -3.24
C GLY A 118 0.78 22.08 -3.64
N THR A 119 0.72 20.83 -3.19
CA THR A 119 -0.38 19.90 -3.56
C THR A 119 -1.31 19.81 -2.36
N PRO A 120 -2.57 19.37 -2.53
CA PRO A 120 -3.56 19.49 -1.47
C PRO A 120 -3.31 18.58 -0.26
N GLY A 121 -2.69 17.42 -0.43
CA GLY A 121 -2.57 16.48 0.71
C GLY A 121 -1.16 16.29 1.25
N HIS A 122 -0.24 17.22 1.02
CA HIS A 122 1.20 17.11 1.41
C HIS A 122 1.35 16.56 2.85
N LYS A 123 0.77 17.26 3.84
CA LYS A 123 0.93 16.87 5.27
C LYS A 123 0.41 15.44 5.49
N GLU A 124 -0.77 15.09 4.96
CA GLU A 124 -1.42 13.75 5.17
C GLU A 124 -0.62 12.66 4.45
N MET A 125 -0.06 12.97 3.27
CA MET A 125 0.74 12.01 2.48
C MET A 125 2.09 11.75 3.14
N ALA A 126 2.68 12.74 3.80
CA ALA A 126 3.88 12.51 4.65
C ALA A 126 3.53 11.52 5.77
N ARG A 127 2.39 11.73 6.45
CA ARG A 127 1.91 10.80 7.50
C ARG A 127 1.64 9.39 6.92
N GLU A 128 0.99 9.32 5.76
CA GLU A 128 0.71 8.04 5.03
C GLU A 128 2.03 7.26 4.85
N TYR A 129 3.03 7.92 4.28
CA TYR A 129 4.31 7.30 3.92
C TYR A 129 5.07 6.88 5.18
N LYS A 130 5.08 7.72 6.22
CA LYS A 130 5.85 7.40 7.45
C LYS A 130 5.18 6.22 8.14
N THR A 131 3.86 6.12 8.05
CA THR A 131 3.17 4.93 8.56
C THR A 131 3.70 3.73 7.80
N PHE A 132 3.62 3.77 6.47
CA PHE A 132 4.11 2.67 5.59
C PHE A 132 5.54 2.27 6.04
N LEU A 133 6.46 3.23 6.25
CA LEU A 133 7.88 2.93 6.64
C LEU A 133 7.95 2.33 8.05
N LEU A 134 7.12 2.82 8.97
CA LEU A 134 7.10 2.32 10.36
C LEU A 134 6.71 0.84 10.37
N ILE A 135 5.55 0.53 9.82
CA ILE A 135 4.99 -0.85 9.81
C ILE A 135 5.84 -1.78 8.94
N THR A 136 6.19 -1.34 7.74
CA THR A 136 6.96 -2.19 6.80
C THR A 136 8.28 -2.59 7.48
N ALA A 137 9.05 -1.65 8.02
CA ALA A 137 10.40 -1.96 8.60
C ALA A 137 10.23 -2.87 9.82
N ASP A 138 9.22 -2.57 10.65
CA ASP A 138 8.93 -3.38 11.87
C ASP A 138 8.74 -4.84 11.43
N LYS A 139 7.93 -5.03 10.40
CA LYS A 139 7.56 -6.35 9.82
C LYS A 139 8.79 -7.06 9.23
N ALA A 140 9.71 -6.34 8.58
CA ALA A 140 10.89 -6.94 7.88
C ALA A 140 12.11 -6.91 8.80
N SER A 141 11.90 -7.00 10.11
CA SER A 141 12.93 -6.97 11.17
C SER A 141 12.49 -7.81 12.37
N GLU A 142 13.33 -7.82 13.42
CA GLU A 142 13.07 -8.52 14.71
C GLU A 142 11.90 -7.89 15.43
N ARG A 143 11.52 -6.65 15.07
CA ARG A 143 10.41 -5.91 15.73
C ARG A 143 9.08 -6.54 15.33
N ARG A 144 9.08 -7.51 14.41
CA ARG A 144 7.87 -8.22 13.95
C ARG A 144 7.17 -8.94 15.13
N ASP A 145 7.90 -9.31 16.19
CA ASP A 145 7.35 -9.99 17.39
C ASP A 145 6.89 -8.96 18.42
N GLY A 146 7.04 -7.68 18.10
CA GLY A 146 6.79 -6.54 18.99
C GLY A 146 5.32 -6.18 19.10
N GLU A 147 5.04 -5.30 20.04
CA GLU A 147 3.69 -4.87 20.44
C GLU A 147 3.05 -3.99 19.34
N LEU A 148 3.81 -3.11 18.69
CA LEU A 148 3.24 -2.29 17.57
C LEU A 148 2.72 -3.23 16.49
N PHE A 149 3.53 -4.16 16.01
CA PHE A 149 3.12 -5.06 14.91
C PHE A 149 1.94 -5.93 15.39
N ARG A 150 1.97 -6.42 16.64
CA ARG A 150 0.90 -7.26 17.19
C ARG A 150 -0.40 -6.46 17.13
N ARG A 151 -0.39 -5.21 17.59
CA ARG A 151 -1.62 -4.38 17.60
C ARG A 151 -2.03 -4.03 16.16
N TYR A 152 -1.08 -3.78 15.27
CA TYR A 152 -1.37 -3.49 13.84
C TYR A 152 -2.15 -4.63 13.20
N VAL A 153 -1.63 -5.84 13.35
CA VAL A 153 -2.21 -7.06 12.73
C VAL A 153 -3.63 -7.30 13.30
N ASN A 154 -3.81 -7.06 14.59
CA ASN A 154 -5.13 -7.26 15.24
C ASN A 154 -6.08 -6.21 14.67
N ALA A 155 -5.62 -4.96 14.55
CA ALA A 155 -6.46 -3.82 14.10
C ALA A 155 -6.93 -4.00 12.63
N LEU A 156 -6.14 -4.67 11.78
CA LEU A 156 -6.48 -5.03 10.37
C LEU A 156 -7.83 -5.75 10.35
N ALA A 157 -8.13 -6.54 11.39
CA ALA A 157 -9.27 -7.50 11.36
C ALA A 157 -10.49 -6.93 12.11
N GLN A 158 -10.46 -5.68 12.56
CA GLN A 158 -11.57 -5.16 13.40
C GLN A 158 -12.82 -4.87 12.54
N SER A 159 -12.67 -4.56 11.28
CA SER A 159 -13.81 -4.43 10.32
C SER A 159 -13.28 -4.39 8.90
N PRO A 160 -14.12 -4.74 7.89
CA PRO A 160 -13.70 -4.72 6.49
C PRO A 160 -13.31 -3.32 6.02
N ARG A 161 -14.01 -2.27 6.46
CA ARG A 161 -13.65 -0.88 6.11
C ARG A 161 -12.28 -0.51 6.70
N HIS A 162 -11.99 -0.89 7.95
CA HIS A 162 -10.66 -0.66 8.57
C HIS A 162 -9.60 -1.38 7.73
N TRP A 163 -9.86 -2.61 7.35
CA TRP A 163 -8.95 -3.44 6.53
C TRP A 163 -8.56 -2.66 5.26
N PHE A 164 -9.53 -2.13 4.52
CA PHE A 164 -9.26 -1.48 3.20
C PHE A 164 -8.46 -0.20 3.43
N ARG A 165 -8.73 0.54 4.51
CA ARG A 165 -8.00 1.79 4.83
C ARG A 165 -6.54 1.46 5.15
N MET A 166 -6.32 0.44 5.99
CA MET A 166 -4.97 0.03 6.41
C MET A 166 -4.23 -0.58 5.22
N ARG A 167 -4.89 -1.41 4.42
CA ARG A 167 -4.26 -2.05 3.24
C ARG A 167 -3.79 -0.95 2.27
N ASP A 168 -4.62 0.08 2.09
CA ASP A 168 -4.32 1.27 1.26
C ASP A 168 -2.92 1.78 1.64
N CYS A 169 -2.76 2.16 2.90
CA CYS A 169 -1.47 2.71 3.41
C CYS A 169 -0.34 1.71 3.18
N ASP A 170 -0.55 0.45 3.53
CA ASP A 170 0.43 -0.67 3.34
C ASP A 170 0.83 -0.81 1.86
N ALA A 171 -0.06 -0.46 0.92
CA ALA A 171 0.23 -0.55 -0.53
C ALA A 171 0.61 0.83 -1.10
N LEU A 172 0.62 1.87 -0.26
CA LEU A 172 0.75 3.29 -0.68
C LEU A 172 -0.24 3.60 -1.81
N ALA A 173 -1.49 3.12 -1.76
CA ALA A 173 -2.44 3.33 -2.87
C ALA A 173 -2.85 4.82 -2.97
N ARG A 174 -3.36 5.44 -1.91
CA ARG A 174 -3.76 6.87 -2.02
C ARG A 174 -2.51 7.74 -2.13
N PHE A 175 -1.43 7.36 -1.44
CA PHE A 175 -0.10 8.00 -1.62
C PHE A 175 0.21 8.05 -3.13
N THR A 176 0.01 6.94 -3.85
CA THR A 176 0.42 6.86 -5.28
C THR A 176 -0.59 7.59 -6.17
N ILE A 177 -1.87 7.57 -5.84
CA ILE A 177 -2.86 8.44 -6.52
C ILE A 177 -2.37 9.90 -6.41
N ALA A 178 -2.10 10.36 -5.17
CA ALA A 178 -1.62 11.72 -4.85
C ALA A 178 -0.34 12.00 -5.64
N SER A 179 0.59 11.04 -5.66
CA SER A 179 1.87 11.12 -6.41
C SER A 179 1.63 11.21 -7.92
N ALA A 180 0.65 10.46 -8.44
CA ALA A 180 0.36 10.45 -9.88
C ALA A 180 -0.14 11.85 -10.28
N LEU A 181 -0.96 12.49 -9.44
CA LEU A 181 -1.46 13.88 -9.67
C LEU A 181 -0.29 14.86 -9.64
N ALA A 182 0.52 14.76 -8.58
CA ALA A 182 1.69 15.64 -8.33
C ALA A 182 2.64 15.55 -9.53
N CYS A 183 2.98 14.34 -9.95
CA CYS A 183 3.97 14.08 -11.03
C CYS A 183 3.50 14.60 -12.40
N ASN A 184 2.21 14.94 -12.51
CA ASN A 184 1.57 15.53 -13.71
C ASN A 184 1.16 16.98 -13.44
N ASP A 185 1.71 17.61 -12.39
CA ASP A 185 1.47 19.03 -12.02
C ASP A 185 -0.04 19.30 -11.91
N LEU A 186 -0.83 18.30 -11.55
CA LEU A 186 -2.27 18.49 -11.22
C LEU A 186 -2.42 18.83 -9.72
N ASP A 187 -2.06 20.05 -9.33
CA ASP A 187 -1.86 20.47 -7.90
C ASP A 187 -3.19 20.85 -7.23
N ASP A 188 -4.29 20.83 -7.95
CA ASP A 188 -5.63 21.27 -7.47
C ASP A 188 -6.56 20.08 -7.31
N ILE A 189 -6.19 18.92 -7.83
CA ILE A 189 -7.11 17.75 -7.84
C ILE A 189 -6.99 17.05 -6.47
N TRP A 190 -8.15 16.69 -5.89
CA TRP A 190 -8.21 15.95 -4.61
C TRP A 190 -9.52 15.19 -4.53
N TYR A 191 -9.60 14.27 -3.59
CA TYR A 191 -10.77 13.40 -3.34
C TYR A 191 -11.13 13.52 -1.87
N THR A 192 -12.39 13.29 -1.53
CA THR A 192 -12.81 13.15 -0.12
C THR A 192 -12.14 11.87 0.42
N GLU A 193 -12.18 11.72 1.73
CA GLU A 193 -11.74 10.50 2.44
C GLU A 193 -12.49 9.29 1.88
N GLU A 194 -13.81 9.38 1.77
CA GLU A 194 -14.68 8.27 1.34
C GLU A 194 -14.35 7.90 -0.12
N GLN A 195 -14.04 8.88 -0.95
CA GLN A 195 -13.65 8.66 -2.37
C GLN A 195 -12.34 7.89 -2.42
N PHE A 196 -11.33 8.32 -1.66
CA PHE A 196 -10.03 7.61 -1.55
C PHE A 196 -10.29 6.18 -1.07
N GLU A 197 -11.21 6.05 -0.12
CA GLU A 197 -11.49 4.70 0.42
C GLU A 197 -11.94 3.79 -0.72
N ILE A 198 -12.81 4.29 -1.59
CA ILE A 198 -13.37 3.45 -2.71
C ILE A 198 -12.30 3.28 -3.79
N LEU A 199 -11.66 4.35 -4.22
CA LEU A 199 -10.61 4.23 -5.24
C LEU A 199 -9.58 3.20 -4.74
N THR A 200 -9.10 3.26 -3.50
CA THR A 200 -8.03 2.33 -3.07
C THR A 200 -8.62 0.94 -2.89
N GLU A 201 -9.89 0.85 -2.48
CA GLU A 201 -10.53 -0.46 -2.35
C GLU A 201 -10.52 -1.12 -3.73
N ILE A 202 -10.81 -0.36 -4.78
CA ILE A 202 -10.76 -0.87 -6.18
C ILE A 202 -9.35 -1.39 -6.49
N GLY A 203 -8.35 -0.54 -6.32
CA GLY A 203 -6.95 -0.89 -6.66
C GLY A 203 -6.46 -2.06 -5.86
N ASP A 204 -6.75 -2.06 -4.56
CA ASP A 204 -6.22 -3.08 -3.61
C ASP A 204 -6.95 -4.40 -3.83
N THR A 205 -8.24 -4.35 -4.11
CA THR A 205 -9.03 -5.59 -4.35
C THR A 205 -8.51 -6.22 -5.64
N LEU A 206 -8.33 -5.41 -6.68
CA LEU A 206 -7.81 -5.91 -7.99
C LEU A 206 -6.46 -6.59 -7.77
N TYR A 207 -5.52 -5.88 -7.15
CA TYR A 207 -4.14 -6.37 -6.90
C TYR A 207 -4.18 -7.66 -6.06
N ASP A 208 -4.91 -7.63 -4.93
CA ASP A 208 -4.95 -8.74 -3.95
C ASP A 208 -5.67 -9.98 -4.52
N ALA A 209 -6.65 -9.79 -5.40
CA ALA A 209 -7.30 -10.93 -6.08
C ALA A 209 -6.25 -11.66 -6.93
N VAL A 210 -5.38 -10.90 -7.58
CA VAL A 210 -4.34 -11.47 -8.49
C VAL A 210 -3.18 -11.99 -7.65
N ALA A 211 -2.80 -11.30 -6.56
CA ALA A 211 -1.57 -11.64 -5.79
C ALA A 211 -1.87 -12.79 -4.80
N PHE A 212 -3.13 -13.26 -4.78
CA PHE A 212 -3.73 -14.26 -3.84
C PHE A 212 -2.78 -15.44 -3.58
N TYR A 213 -2.40 -16.16 -4.63
CA TYR A 213 -1.60 -17.41 -4.50
C TYR A 213 -0.19 -17.09 -3.99
N LYS A 214 0.46 -16.08 -4.55
CA LYS A 214 1.76 -15.61 -4.01
C LYS A 214 1.58 -15.29 -2.52
N HIS A 215 0.59 -14.48 -2.16
CA HIS A 215 0.44 -14.00 -0.77
C HIS A 215 0.26 -15.21 0.15
N ARG A 216 -0.56 -16.19 -0.23
CA ARG A 216 -0.86 -17.37 0.61
C ARG A 216 0.43 -18.18 0.84
N ALA A 217 1.18 -18.52 -0.22
CA ALA A 217 2.48 -19.25 -0.11
C ALA A 217 3.44 -18.56 0.87
N GLU A 218 3.46 -17.22 0.93
CA GLU A 218 4.40 -16.40 1.75
C GLU A 218 3.89 -16.14 3.19
N GLY A 219 2.69 -16.59 3.56
CA GLY A 219 2.15 -16.33 4.92
C GLY A 219 1.80 -14.87 5.17
N GLU A 220 1.29 -14.18 4.15
CA GLU A 220 1.07 -12.72 4.20
C GLU A 220 0.00 -12.38 5.26
N THR A 221 0.20 -11.29 6.01
CA THR A 221 -0.80 -10.67 6.92
C THR A 221 -1.71 -9.73 6.11
N ASN A 222 -1.20 -9.09 5.06
CA ASN A 222 -1.90 -7.98 4.36
C ASN A 222 -2.31 -8.49 2.97
N SER A 223 -3.35 -9.31 2.90
CA SER A 223 -3.92 -9.83 1.62
C SER A 223 -5.44 -9.87 1.79
N THR A 224 -6.16 -9.20 0.90
CA THR A 224 -7.61 -8.99 1.05
C THR A 224 -8.33 -10.33 1.25
N PHE A 225 -8.00 -11.36 0.48
CA PHE A 225 -8.78 -12.62 0.48
C PHE A 225 -8.17 -13.62 1.47
N ALA A 226 -7.38 -13.13 2.43
CA ALA A 226 -7.12 -13.80 3.71
C ALA A 226 -8.31 -13.58 4.65
N TYR A 227 -9.12 -12.54 4.40
CA TYR A 227 -10.19 -12.06 5.29
C TYR A 227 -11.51 -12.18 4.56
N MET A 228 -11.58 -11.58 3.36
CA MET A 228 -12.77 -11.63 2.51
C MET A 228 -12.90 -13.06 2.00
N PRO A 229 -14.14 -13.51 1.65
CA PRO A 229 -14.35 -14.87 1.17
C PRO A 229 -13.57 -15.23 -0.11
N GLU A 230 -12.91 -16.39 -0.08
CA GLU A 230 -12.17 -16.91 -1.26
C GLU A 230 -13.13 -17.13 -2.41
N ASP A 231 -14.36 -17.52 -2.10
CA ASP A 231 -15.37 -17.88 -3.12
C ASP A 231 -15.95 -16.62 -3.80
N LEU A 232 -15.54 -15.41 -3.38
CA LEU A 232 -15.92 -14.13 -4.04
C LEU A 232 -14.72 -13.41 -4.70
N ARG A 233 -13.51 -13.97 -4.63
CA ARG A 233 -12.28 -13.37 -5.19
C ARG A 233 -12.44 -13.03 -6.69
N ILE A 234 -12.87 -13.98 -7.51
CA ILE A 234 -13.02 -13.82 -8.99
C ILE A 234 -14.05 -12.71 -9.27
N LYS A 235 -15.20 -12.80 -8.62
CA LYS A 235 -16.31 -11.83 -8.79
C LYS A 235 -15.85 -10.43 -8.31
N ALA A 236 -15.06 -10.36 -7.24
CA ALA A 236 -14.58 -9.06 -6.70
C ALA A 236 -13.70 -8.39 -7.75
N TYR A 237 -12.79 -9.14 -8.37
CA TYR A 237 -11.93 -8.57 -9.43
C TYR A 237 -12.85 -8.03 -10.52
N SER A 238 -13.80 -8.87 -10.95
CA SER A 238 -14.68 -8.57 -12.09
C SER A 238 -15.46 -7.29 -11.81
N GLU A 239 -16.03 -7.16 -10.60
CA GLU A 239 -16.84 -5.98 -10.23
C GLU A 239 -15.97 -4.73 -10.07
N CYS A 240 -14.81 -4.84 -9.43
CA CYS A 240 -13.89 -3.69 -9.27
C CYS A 240 -13.45 -3.21 -10.66
N ARG A 241 -13.18 -4.13 -11.57
CA ARG A 241 -12.68 -3.80 -12.93
C ARG A 241 -13.81 -3.08 -13.70
N GLU A 242 -15.02 -3.58 -13.58
CA GLU A 242 -16.18 -2.96 -14.26
C GLU A 242 -16.45 -1.57 -13.69
N ILE A 243 -16.42 -1.42 -12.37
CA ILE A 243 -16.67 -0.08 -11.77
C ILE A 243 -15.53 0.83 -12.21
N LEU A 244 -14.31 0.30 -12.33
CA LEU A 244 -13.18 1.15 -12.80
C LEU A 244 -13.45 1.58 -14.25
N TRP A 245 -13.97 0.69 -15.10
CA TRP A 245 -14.34 1.09 -16.48
C TRP A 245 -15.48 2.14 -16.46
N ALA A 246 -16.47 1.97 -15.59
CA ALA A 246 -17.62 2.89 -15.49
C ALA A 246 -17.13 4.28 -15.05
N LEU A 247 -16.24 4.33 -14.08
CA LEU A 247 -15.62 5.61 -13.62
C LEU A 247 -14.85 6.26 -14.78
N ASP A 248 -14.01 5.48 -15.43
CA ASP A 248 -13.21 5.90 -16.61
C ASP A 248 -14.17 6.57 -17.61
N ALA A 249 -15.27 5.91 -17.95
CA ALA A 249 -16.23 6.43 -18.95
C ALA A 249 -16.91 7.71 -18.42
N ALA A 250 -17.28 7.72 -17.15
CA ALA A 250 -17.89 8.89 -16.46
C ALA A 250 -16.90 10.05 -16.36
N TRP A 251 -15.58 9.81 -16.41
CA TRP A 251 -14.56 10.88 -16.33
C TRP A 251 -14.02 11.22 -17.71
N ALA A 252 -14.64 10.68 -18.77
CA ALA A 252 -14.18 10.90 -20.16
C ALA A 252 -14.09 12.41 -20.43
N ARG A 253 -13.01 12.74 -21.12
CA ARG A 253 -12.65 14.04 -21.77
C ARG A 253 -12.23 15.09 -20.71
N ASN A 254 -12.06 14.64 -19.47
N ASN A 254 -12.07 14.71 -19.44
CA ASN A 254 -11.20 15.27 -18.42
CA ASN A 254 -11.14 15.41 -18.50
C ASN A 254 -9.91 14.47 -18.37
C ASN A 254 -9.92 14.52 -18.38
N PRO A 255 -8.92 14.71 -19.27
CA PRO A 255 -7.73 13.87 -19.32
C PRO A 255 -6.86 13.96 -18.06
N LYS A 256 -7.21 14.84 -17.13
CA LYS A 256 -6.51 14.98 -15.82
C LYS A 256 -6.68 13.67 -15.08
N LEU A 257 -7.94 13.21 -15.07
CA LEU A 257 -8.38 12.12 -14.19
C LEU A 257 -7.89 10.78 -14.73
N VAL A 258 -7.40 10.72 -15.98
CA VAL A 258 -6.86 9.43 -16.52
C VAL A 258 -5.64 9.00 -15.69
N ASN A 259 -4.88 9.93 -15.08
CA ASN A 259 -3.72 9.57 -14.22
C ASN A 259 -4.17 8.75 -13.00
N VAL A 260 -5.40 9.00 -12.52
CA VAL A 260 -5.98 8.28 -11.36
C VAL A 260 -6.44 6.89 -11.84
N ILE A 261 -7.23 6.86 -12.91
CA ILE A 261 -7.70 5.59 -13.49
C ILE A 261 -6.48 4.72 -13.86
N ASN A 262 -5.49 5.29 -14.55
CA ASN A 262 -4.33 4.53 -15.07
C ASN A 262 -3.65 3.87 -13.86
N PHE A 263 -3.49 4.60 -12.77
CA PHE A 263 -2.81 4.05 -11.57
C PHE A 263 -3.55 2.78 -11.17
N LEU A 264 -4.84 2.90 -10.93
CA LEU A 264 -5.64 1.76 -10.43
C LEU A 264 -5.58 0.61 -11.43
N ARG A 265 -5.67 0.90 -12.72
CA ARG A 265 -5.75 -0.14 -13.79
C ARG A 265 -4.43 -0.91 -13.87
N PHE A 266 -3.29 -0.22 -13.84
CA PHE A 266 -1.97 -0.89 -14.06
C PHE A 266 -1.48 -1.56 -12.77
N PHE A 267 -1.73 -0.92 -11.63
CA PHE A 267 -1.49 -1.47 -10.28
C PHE A 267 -2.33 -2.72 -10.06
N GLY A 268 -3.62 -2.70 -10.48
CA GLY A 268 -4.64 -3.73 -10.20
C GLY A 268 -4.42 -5.06 -10.93
N GLY A 269 -3.21 -5.60 -10.88
CA GLY A 269 -2.85 -6.89 -11.49
C GLY A 269 -1.83 -6.77 -12.60
N PRO A 270 -2.02 -5.89 -13.60
CA PRO A 270 -1.09 -5.83 -14.75
C PRO A 270 0.40 -5.72 -14.39
N ILE A 271 0.76 -5.11 -13.26
CA ILE A 271 2.21 -5.06 -12.88
C ILE A 271 2.85 -6.45 -12.82
N HIS A 272 2.10 -7.50 -12.53
CA HIS A 272 2.63 -8.90 -12.43
C HIS A 272 3.26 -9.27 -13.78
N MET A 273 2.73 -8.77 -14.89
CA MET A 273 3.31 -9.06 -16.23
C MET A 273 4.48 -8.13 -16.59
N MET A 274 4.57 -6.94 -16.03
CA MET A 274 5.43 -5.85 -16.60
C MET A 274 6.74 -5.73 -15.82
N MET A 275 6.70 -5.97 -14.51
CA MET A 275 7.86 -5.73 -13.62
C MET A 275 8.67 -7.01 -13.50
N ARG A 276 9.98 -6.90 -13.72
CA ARG A 276 10.91 -8.05 -13.65
C ARG A 276 10.93 -8.60 -12.22
N ARG A 277 10.56 -7.84 -11.19
CA ARG A 277 10.52 -8.38 -9.79
C ARG A 277 9.49 -9.52 -9.67
N TYR A 278 8.36 -9.47 -10.39
CA TYR A 278 7.38 -10.58 -10.38
C TYR A 278 7.96 -11.71 -11.24
N ARG A 279 7.23 -12.81 -11.28
CA ARG A 279 7.75 -14.13 -11.72
C ARG A 279 7.01 -14.61 -12.96
N PHE A 280 6.33 -13.72 -13.69
CA PHE A 280 5.58 -14.06 -14.93
C PHE A 280 6.45 -14.95 -15.84
N VAL A 281 7.68 -14.54 -16.12
CA VAL A 281 8.62 -15.28 -17.01
C VAL A 281 8.96 -16.62 -16.37
N GLU A 282 9.30 -16.60 -15.08
CA GLU A 282 9.76 -17.80 -14.33
C GLU A 282 8.62 -18.81 -14.26
N GLU A 283 7.37 -18.38 -14.37
CA GLU A 283 6.24 -19.32 -14.39
C GLU A 283 5.72 -19.54 -15.81
N ASN A 284 6.56 -19.23 -16.81
CA ASN A 284 6.35 -19.62 -18.24
C ASN A 284 5.20 -18.81 -18.81
N LEU A 285 5.15 -17.53 -18.47
CA LEU A 285 4.13 -16.56 -18.95
C LEU A 285 2.78 -17.11 -18.49
N THR A 286 2.68 -17.54 -17.24
CA THR A 286 1.38 -17.89 -16.63
C THR A 286 1.14 -17.03 -15.39
N ILE A 287 -0.14 -16.78 -15.09
CA ILE A 287 -0.67 -16.23 -13.81
C ILE A 287 -1.59 -17.29 -13.20
N GLY A 288 -1.41 -17.65 -11.93
CA GLY A 288 -2.31 -18.51 -11.14
C GLY A 288 -1.73 -19.90 -10.88
N LYS A 289 -1.53 -20.24 -9.59
CA LYS A 289 -1.17 -21.61 -9.11
C LYS A 289 -1.33 -21.66 -7.58
N ARG A 317 4.68 -8.29 28.19
CA ARG A 317 4.32 -7.34 27.09
C ARG A 317 4.93 -5.97 27.36
N ASN A 318 5.95 -5.55 26.60
CA ASN A 318 6.51 -4.18 26.77
C ASN A 318 5.85 -3.24 25.75
N THR A 319 5.00 -2.34 26.25
CA THR A 319 4.16 -1.42 25.47
C THR A 319 4.78 -0.01 25.42
N GLN A 320 6.02 0.14 25.89
CA GLN A 320 6.68 1.46 26.04
C GLN A 320 6.90 2.11 24.66
N ARG A 321 7.54 1.42 23.72
CA ARG A 321 7.73 1.95 22.34
C ARG A 321 6.36 2.23 21.70
N TYR A 322 5.41 1.31 21.82
CA TYR A 322 4.07 1.46 21.23
C TYR A 322 3.44 2.76 21.77
N LYS A 323 3.43 2.95 23.09
CA LYS A 323 2.84 4.18 23.69
C LYS A 323 3.62 5.42 23.22
N ALA A 324 4.95 5.36 23.15
CA ALA A 324 5.72 6.53 22.66
C ALA A 324 5.30 6.87 21.22
N LEU A 325 5.11 5.86 20.36
CA LEU A 325 4.69 6.06 18.94
C LEU A 325 3.25 6.59 18.86
N ILE A 326 2.31 6.07 19.65
CA ILE A 326 0.93 6.64 19.72
C ILE A 326 1.06 8.14 20.08
N GLY A 327 1.96 8.48 21.00
CA GLY A 327 2.30 9.87 21.35
C GLY A 327 2.81 10.65 20.15
N ARG A 328 3.38 10.00 19.13
CA ARG A 328 3.89 10.73 17.94
C ARG A 328 2.95 10.52 16.74
N SER A 329 1.67 10.21 16.98
CA SER A 329 0.71 9.84 15.92
C SER A 329 0.55 10.97 14.89
N GLU A 330 0.55 12.24 15.28
CA GLU A 330 0.31 13.34 14.30
C GLU A 330 1.44 13.38 13.27
N GLU A 331 2.62 12.96 13.69
CA GLU A 331 3.83 12.94 12.86
C GLU A 331 3.88 11.66 12.01
N LEU A 332 3.67 10.48 12.62
CA LEU A 332 4.13 9.17 12.07
C LEU A 332 2.94 8.31 11.60
N MET A 333 1.71 8.63 11.99
CA MET A 333 0.57 7.73 11.70
C MET A 333 -0.47 8.48 10.89
N PHE A 334 -1.07 7.84 9.90
CA PHE A 334 -2.14 8.47 9.09
C PHE A 334 -3.30 8.81 10.02
N PRO A 335 -4.08 9.85 9.67
CA PRO A 335 -5.22 10.29 10.48
C PRO A 335 -6.18 9.12 10.74
N GLY A 336 -6.38 8.82 12.03
CA GLY A 336 -7.31 7.76 12.48
C GLY A 336 -6.58 6.50 12.84
N LEU A 337 -5.31 6.29 12.45
CA LEU A 337 -4.62 5.01 12.76
C LEU A 337 -4.44 4.81 14.29
N ALA A 338 -3.99 5.82 15.03
CA ALA A 338 -3.80 5.76 16.51
C ALA A 338 -5.08 5.19 17.19
N GLU A 339 -6.28 5.67 16.80
CA GLU A 339 -7.58 5.14 17.29
C GLU A 339 -7.75 3.68 16.80
N PHE A 340 -7.46 3.37 15.53
CA PHE A 340 -7.54 1.98 15.01
C PHE A 340 -6.71 1.05 15.90
N LEU A 341 -5.45 1.40 16.18
CA LEU A 341 -4.51 0.60 17.05
C LEU A 341 -4.97 0.52 18.51
N GLU A 342 -5.40 1.63 19.11
CA GLU A 342 -5.85 1.69 20.52
C GLU A 342 -7.16 0.89 20.64
N VAL A 343 -8.16 1.18 19.82
CA VAL A 343 -9.48 0.49 19.90
C VAL A 343 -9.34 -0.98 19.47
N GLY A 344 -8.64 -1.28 18.37
CA GLY A 344 -8.63 -2.62 17.76
C GLY A 344 -7.42 -3.46 18.10
N GLY A 345 -6.40 -2.93 18.76
CA GLY A 345 -5.09 -3.62 18.87
C GLY A 345 -5.15 -4.93 19.64
N ASP A 346 -6.12 -5.11 20.54
CA ASP A 346 -6.20 -6.33 21.38
C ASP A 346 -7.19 -7.29 20.78
N GLY A 347 -7.80 -6.95 19.65
CA GLY A 347 -8.82 -7.78 19.03
C GLY A 347 -10.19 -7.50 19.63
N VAL A 348 -11.06 -6.83 18.90
CA VAL A 348 -12.42 -6.40 19.36
C VAL A 348 -13.36 -7.61 19.52
N CYS A 349 -13.19 -8.69 18.78
CA CYS A 349 -14.15 -9.84 18.75
C CYS A 349 -13.59 -11.00 19.59
N ASP A 350 -14.38 -11.53 20.53
CA ASP A 350 -13.97 -12.64 21.44
C ASP A 350 -13.97 -14.00 20.73
N LYS A 351 -14.45 -14.07 19.49
CA LYS A 351 -14.59 -15.35 18.77
C LYS A 351 -13.50 -15.49 17.71
N CYS A 352 -12.99 -14.38 17.17
CA CYS A 352 -11.88 -14.41 16.19
C CYS A 352 -10.63 -15.00 16.84
N ARG A 353 -9.70 -15.53 16.05
CA ARG A 353 -8.44 -16.11 16.59
C ARG A 353 -7.31 -15.09 16.40
N TYR A 354 -6.89 -14.47 17.49
CA TYR A 354 -5.68 -13.62 17.55
C TYR A 354 -4.50 -14.51 17.93
N ARG A 355 -3.28 -13.98 17.76
CA ARG A 355 -2.04 -14.61 18.23
C ARG A 355 -1.38 -13.61 19.17
N GLU A 356 -0.62 -14.12 20.14
CA GLU A 356 0.19 -13.31 21.06
C GLU A 356 1.26 -12.58 20.25
N SER A 357 1.87 -13.20 19.24
CA SER A 357 2.83 -12.48 18.34
C SER A 357 2.67 -13.00 16.90
N TYR A 358 3.08 -12.20 15.92
CA TYR A 358 2.91 -12.50 14.47
C TYR A 358 4.30 -12.50 13.80
N GLY A 359 5.35 -12.80 14.57
CA GLY A 359 6.77 -12.76 14.16
C GLY A 359 7.24 -14.04 13.48
N ALA A 360 7.07 -15.18 14.16
CA ALA A 360 7.22 -16.54 13.56
C ALA A 360 6.51 -16.52 12.20
N GLU A 361 7.24 -16.80 11.11
CA GLU A 361 6.64 -16.67 9.76
C GLU A 361 6.12 -18.05 9.32
N VAL A 362 4.80 -18.11 9.10
CA VAL A 362 4.01 -19.26 8.58
C VAL A 362 4.16 -19.32 7.06
N SER A 363 3.75 -20.41 6.42
CA SER A 363 3.85 -20.58 4.95
C SER A 363 2.66 -21.41 4.47
N HIS A 364 2.23 -21.19 3.23
CA HIS A 364 1.03 -21.81 2.59
C HIS A 364 -0.21 -21.62 3.47
N GLN A 365 -0.35 -20.43 4.07
CA GLN A 365 -1.55 -19.96 4.81
C GLN A 365 -1.34 -18.50 5.22
N PHE A 366 -2.41 -17.76 5.47
CA PHE A 366 -2.31 -16.33 5.88
C PHE A 366 -1.86 -16.28 7.36
N GLY A 367 -1.15 -15.22 7.74
CA GLY A 367 -0.36 -15.14 8.99
C GLY A 367 -0.95 -14.17 9.99
N GLY A 368 -2.16 -13.66 9.72
CA GLY A 368 -2.82 -12.67 10.60
C GLY A 368 -3.95 -13.28 11.38
N VAL A 369 -4.93 -12.46 11.71
CA VAL A 369 -6.15 -12.87 12.45
C VAL A 369 -6.97 -13.82 11.58
N GLU A 370 -7.52 -14.85 12.20
CA GLU A 370 -8.51 -15.77 11.60
C GLU A 370 -9.91 -15.35 12.02
N LEU A 371 -10.71 -14.87 11.08
CA LEU A 371 -12.07 -14.38 11.39
C LEU A 371 -12.95 -15.55 11.83
N CYS A 372 -13.81 -15.32 12.81
CA CYS A 372 -14.88 -16.25 13.24
C CYS A 372 -16.00 -16.23 12.19
N SER A 373 -16.95 -17.15 12.31
CA SER A 373 -18.14 -17.28 11.44
C SER A 373 -18.86 -15.94 11.25
N GLU A 374 -19.22 -15.30 12.36
CA GLU A 374 -20.03 -14.07 12.33
C GLU A 374 -19.25 -12.93 11.65
N CYS A 375 -17.95 -12.83 11.90
CA CYS A 375 -17.12 -11.77 11.26
C CYS A 375 -17.01 -12.10 9.76
N LYS A 376 -16.80 -13.35 9.38
CA LYS A 376 -16.75 -13.72 7.94
C LYS A 376 -18.00 -13.18 7.22
N LEU A 377 -19.19 -13.39 7.82
CA LEU A 377 -20.46 -12.98 7.20
C LEU A 377 -20.51 -11.46 7.05
N SER A 378 -20.13 -10.69 8.08
CA SER A 378 -20.13 -9.20 8.00
C SER A 378 -19.18 -8.75 6.89
N TRP A 379 -18.02 -9.38 6.83
CA TRP A 379 -17.03 -9.05 5.79
C TRP A 379 -17.61 -9.47 4.44
N ARG A 380 -18.30 -10.61 4.35
CA ARG A 380 -18.94 -11.05 3.08
C ARG A 380 -19.93 -9.97 2.65
N GLN A 381 -20.74 -9.49 3.58
CA GLN A 381 -21.84 -8.54 3.31
C GLN A 381 -21.25 -7.20 2.86
N TYR A 382 -20.15 -6.75 3.48
CA TYR A 382 -19.44 -5.51 3.08
C TYR A 382 -18.92 -5.66 1.64
N LEU A 383 -18.30 -6.79 1.32
CA LEU A 383 -17.84 -7.03 -0.07
C LEU A 383 -19.04 -7.05 -1.04
N GLU A 384 -20.13 -7.69 -0.67
CA GLU A 384 -21.31 -7.91 -1.54
C GLU A 384 -22.03 -6.58 -1.78
N CYS A 385 -21.81 -5.54 -1.00
CA CYS A 385 -22.41 -4.21 -1.32
C CYS A 385 -21.35 -3.24 -1.85
N PHE A 386 -20.28 -3.73 -2.50
CA PHE A 386 -19.21 -2.87 -3.10
C PHE A 386 -19.83 -1.83 -4.07
N VAL A 387 -20.62 -2.29 -5.03
CA VAL A 387 -21.18 -1.43 -6.10
C VAL A 387 -21.98 -0.30 -5.46
N GLU A 388 -22.82 -0.60 -4.48
CA GLU A 388 -23.67 0.45 -3.90
C GLU A 388 -22.77 1.37 -3.05
N ARG A 389 -21.77 0.84 -2.33
CA ARG A 389 -20.86 1.71 -1.56
C ARG A 389 -20.13 2.64 -2.56
N ALA A 390 -19.69 2.10 -3.70
CA ALA A 390 -18.97 2.89 -4.73
C ALA A 390 -19.91 3.99 -5.29
N ALA A 391 -21.13 3.62 -5.65
CA ALA A 391 -22.12 4.54 -6.28
C ALA A 391 -22.50 5.65 -5.30
N ASP A 392 -22.55 5.34 -4.00
CA ASP A 392 -22.88 6.33 -2.95
C ASP A 392 -21.83 7.44 -2.91
N VAL A 393 -20.55 7.17 -3.14
CA VAL A 393 -19.51 8.23 -3.01
C VAL A 393 -19.18 8.81 -4.40
N PHE A 394 -19.44 8.09 -5.48
CA PHE A 394 -19.26 8.55 -6.88
C PHE A 394 -20.62 8.46 -7.56
N PRO A 395 -21.52 9.44 -7.31
CA PRO A 395 -22.87 9.35 -7.87
C PRO A 395 -22.89 9.36 -9.40
N GLU A 396 -21.80 9.79 -10.05
CA GLU A 396 -21.69 9.69 -11.54
C GLU A 396 -21.91 8.23 -12.00
N LEU A 397 -21.63 7.26 -11.15
CA LEU A 397 -21.91 5.82 -11.45
C LEU A 397 -23.41 5.52 -11.46
N LYS A 398 -24.26 6.34 -10.85
CA LYS A 398 -25.70 5.96 -10.78
C LYS A 398 -26.26 5.78 -12.19
N THR A 399 -25.91 6.68 -13.13
CA THR A 399 -26.29 6.63 -14.57
C THR A 399 -25.52 5.51 -15.30
#